data_3GE5
#
_entry.id   3GE5
#
_cell.length_a   112.060
_cell.length_b   112.060
_cell.length_c   68.300
_cell.angle_alpha   90.000
_cell.angle_beta   90.000
_cell.angle_gamma   90.000
#
_symmetry.space_group_name_H-M   'P 43 21 2'
#
loop_
_entity.id
_entity.type
_entity.pdbx_description
1 polymer 'putative NAD(P)H:FMN oxidoreductase'
2 non-polymer 'FLAVIN MONONUCLEOTIDE'
3 non-polymer 'UNKNOWN LIGAND'
4 non-polymer 'SULFATE ION'
5 non-polymer 1,2-ETHANEDIOL
6 water water
#
_entity_poly.entity_id   1
_entity_poly.type   'polypeptide(L)'
_entity_poly.pdbx_seq_one_letter_code
;(MSE)GSDKIHHHHHHENLYFQG(MSE)KQIPQDFRLIEDFFRTRRSVRKFIDRPVEEEKL(MSE)AILEAGRIAPSAHN
YQPWHFLVVREEEGRKRLAPCSQQPWFPGAPIYIITLGDHQRAWKRGAGDSVDIDTSIA(MSE)TY(MSE)(MSE)LEAH
SLGLGCTWVCAFDQALCSEIFDIPSH(MSE)TPVSILALGYGDPTVPPREAFNRKTIEEVVSFEKL
;
_entity_poly.pdbx_strand_id   A,B
#
loop_
_chem_comp.id
_chem_comp.type
_chem_comp.name
_chem_comp.formula
EDO non-polymer 1,2-ETHANEDIOL 'C2 H6 O2'
FMN non-polymer 'FLAVIN MONONUCLEOTIDE' 'C17 H21 N4 O9 P'
SO4 non-polymer 'SULFATE ION' 'O4 S -2'
UNL non-polymer 'UNKNOWN LIGAND' ?
#
# COMPACT_ATOMS: atom_id res chain seq x y z
N ILE A 23 18.88 9.83 -2.32
CA ILE A 23 18.30 9.66 -3.70
C ILE A 23 18.89 10.75 -4.63
N PRO A 24 18.93 10.49 -5.95
CA PRO A 24 19.51 11.47 -6.88
C PRO A 24 18.92 12.89 -6.75
N GLN A 25 19.76 13.89 -7.02
CA GLN A 25 19.43 15.31 -6.72
C GLN A 25 18.11 15.79 -7.35
N ASP A 26 17.90 15.32 -8.57
N ASP A 26 17.87 15.50 -8.62
CA ASP A 26 16.82 15.75 -9.44
CA ASP A 26 16.57 15.83 -9.21
C ASP A 26 15.67 14.74 -9.48
C ASP A 26 15.90 14.56 -9.68
N PHE A 27 15.76 13.65 -8.73
CA PHE A 27 14.76 12.62 -8.81
C PHE A 27 13.54 13.08 -8.02
N ARG A 28 12.39 13.02 -8.68
CA ARG A 28 11.13 13.33 -8.05
C ARG A 28 10.26 12.08 -8.06
N LEU A 29 9.92 11.58 -6.89
CA LEU A 29 9.10 10.38 -6.77
C LEU A 29 7.79 10.49 -7.52
N ILE A 30 7.14 11.64 -7.43
CA ILE A 30 5.87 11.81 -8.10
C ILE A 30 6.05 11.84 -9.64
N GLU A 31 6.75 12.86 -10.14
CA GLU A 31 6.82 13.02 -11.61
C GLU A 31 7.58 11.89 -12.33
N ASP A 32 8.64 11.38 -11.71
CA ASP A 32 9.56 10.48 -12.40
C ASP A 32 9.22 9.03 -12.18
N PHE A 33 8.36 8.74 -11.21
CA PHE A 33 8.15 7.35 -10.82
C PHE A 33 6.67 7.02 -10.66
N PHE A 34 5.96 7.63 -9.71
CA PHE A 34 4.54 7.33 -9.58
C PHE A 34 3.72 7.62 -10.86
N ARG A 35 3.89 8.82 -11.41
CA ARG A 35 3.08 9.23 -12.57
C ARG A 35 3.38 8.51 -13.87
N THR A 36 4.55 7.89 -13.99
CA THR A 36 4.89 7.15 -15.19
C THR A 36 4.28 5.73 -15.18
N ARG A 37 3.70 5.31 -14.04
CA ARG A 37 3.04 4.00 -13.92
C ARG A 37 1.54 4.13 -14.24
N ARG A 38 1.12 3.41 -15.28
CA ARG A 38 -0.28 3.19 -15.54
C ARG A 38 -0.50 1.67 -15.51
N SER A 39 -1.71 1.26 -15.16
CA SER A 39 -2.08 -0.15 -15.23
C SER A 39 -1.88 -0.69 -16.66
N VAL A 40 -1.25 -1.85 -16.76
CA VAL A 40 -1.00 -2.51 -18.04
C VAL A 40 -1.73 -3.87 -17.99
N ARG A 41 -2.56 -4.09 -19.01
CA ARG A 41 -3.37 -5.31 -19.14
C ARG A 41 -3.07 -6.15 -20.36
N LYS A 42 -2.20 -5.64 -21.23
CA LYS A 42 -1.88 -6.29 -22.48
C LYS A 42 -0.37 -6.45 -22.55
N PHE A 43 0.09 -7.69 -22.79
CA PHE A 43 1.50 -8.05 -22.60
C PHE A 43 2.09 -8.67 -23.86
N ILE A 44 3.42 -8.58 -24.01
CA ILE A 44 4.11 -9.28 -25.09
C ILE A 44 4.67 -10.59 -24.54
N ASP A 45 5.20 -11.43 -25.43
CA ASP A 45 5.72 -12.74 -25.05
C ASP A 45 7.05 -12.76 -24.32
N ARG A 46 7.75 -11.63 -24.28
CA ARG A 46 9.08 -11.64 -23.71
C ARG A 46 9.07 -12.25 -22.31
N PRO A 47 9.90 -13.26 -22.06
CA PRO A 47 9.94 -13.78 -20.71
C PRO A 47 10.50 -12.78 -19.70
N VAL A 48 9.93 -12.79 -18.52
CA VAL A 48 10.39 -11.98 -17.40
C VAL A 48 11.63 -12.63 -16.78
N GLU A 49 12.72 -11.87 -16.69
CA GLU A 49 13.97 -12.40 -16.16
C GLU A 49 13.78 -12.85 -14.73
N GLU A 50 14.36 -13.99 -14.38
CA GLU A 50 14.30 -14.53 -13.01
C GLU A 50 14.67 -13.48 -11.95
N GLU A 51 15.72 -12.73 -12.22
CA GLU A 51 16.24 -11.77 -11.25
C GLU A 51 15.24 -10.64 -11.02
N LYS A 52 14.44 -10.32 -12.05
CA LYS A 52 13.43 -9.28 -11.90
C LYS A 52 12.24 -9.80 -11.04
N LEU A 53 11.80 -11.04 -11.29
CA LEU A 53 10.78 -11.69 -10.44
C LEU A 53 11.22 -11.78 -8.97
N MSE A 54 12.47 -12.18 -8.76
CA MSE A 54 13.02 -12.28 -7.41
C MSE A 54 13.07 -10.89 -6.70
O MSE A 54 12.81 -10.82 -5.51
CB MSE A 54 14.39 -12.97 -7.37
CG MSE A 54 14.35 -14.43 -7.83
SE MSE A 54 12.97 -15.54 -7.00
CE MSE A 54 13.21 -14.94 -5.15
N ALA A 55 13.41 -9.83 -7.43
CA ALA A 55 13.38 -8.45 -6.90
C ALA A 55 11.99 -8.02 -6.50
N ILE A 56 11.02 -8.34 -7.35
CA ILE A 56 9.62 -8.01 -7.02
C ILE A 56 9.24 -8.68 -5.69
N LEU A 57 9.54 -9.97 -5.55
CA LEU A 57 9.23 -10.71 -4.33
C LEU A 57 9.98 -10.16 -3.11
N GLU A 58 11.24 -9.75 -3.30
CA GLU A 58 12.01 -9.14 -2.24
C GLU A 58 11.36 -7.85 -1.73
N ALA A 59 10.85 -7.04 -2.66
CA ALA A 59 10.13 -5.81 -2.29
C ALA A 59 8.93 -6.12 -1.40
N GLY A 60 8.18 -7.15 -1.76
CA GLY A 60 7.07 -7.58 -0.93
C GLY A 60 7.51 -8.01 0.48
N ARG A 61 8.58 -8.82 0.54
CA ARG A 61 9.11 -9.37 1.77
C ARG A 61 9.52 -8.22 2.72
N ILE A 62 10.09 -7.15 2.18
CA ILE A 62 10.63 -6.10 3.05
C ILE A 62 9.61 -5.02 3.44
N ALA A 63 8.38 -5.15 2.93
CA ALA A 63 7.33 -4.16 3.24
C ALA A 63 7.09 -4.14 4.76
N PRO A 64 6.71 -2.98 5.32
CA PRO A 64 6.24 -2.93 6.68
C PRO A 64 4.80 -3.48 6.85
N SER A 65 4.48 -3.82 8.09
CA SER A 65 3.18 -4.37 8.49
C SER A 65 2.94 -4.04 9.97
N ALA A 66 1.68 -4.11 10.40
CA ALA A 66 1.38 -3.94 11.83
C ALA A 66 2.14 -4.94 12.70
N HIS A 67 2.89 -4.40 13.67
CA HIS A 67 3.72 -5.17 14.59
C HIS A 67 4.81 -5.97 13.86
N ASN A 68 5.08 -5.64 12.60
CA ASN A 68 6.00 -6.45 11.79
C ASN A 68 5.62 -7.93 11.77
N TYR A 69 4.33 -8.23 11.83
CA TYR A 69 3.89 -9.63 11.80
C TYR A 69 3.97 -10.26 10.38
N GLN A 70 4.03 -9.42 9.35
CA GLN A 70 4.18 -9.92 7.96
C GLN A 70 3.16 -11.01 7.67
N PRO A 71 1.84 -10.73 7.81
CA PRO A 71 0.80 -11.76 7.73
C PRO A 71 0.41 -12.10 6.28
N TRP A 72 1.43 -12.25 5.42
CA TRP A 72 1.26 -12.49 4.01
C TRP A 72 2.02 -13.73 3.57
N HIS A 73 1.65 -14.25 2.42
CA HIS A 73 2.35 -15.30 1.74
C HIS A 73 2.16 -15.07 0.26
N PHE A 74 3.24 -15.18 -0.51
CA PHE A 74 3.17 -14.90 -1.95
C PHE A 74 3.21 -16.19 -2.75
N LEU A 75 2.10 -16.46 -3.43
CA LEU A 75 1.97 -17.67 -4.27
C LEU A 75 2.14 -17.28 -5.74
N VAL A 76 3.30 -17.63 -6.30
CA VAL A 76 3.67 -17.25 -7.66
C VAL A 76 3.11 -18.28 -8.62
N VAL A 77 2.41 -17.81 -9.67
CA VAL A 77 1.87 -18.71 -10.69
C VAL A 77 2.39 -18.22 -12.05
N ARG A 78 3.27 -19.00 -12.65
CA ARG A 78 3.82 -18.63 -13.96
C ARG A 78 3.98 -19.80 -14.94
N GLU A 79 3.97 -21.04 -14.45
CA GLU A 79 4.00 -22.19 -15.37
C GLU A 79 2.64 -22.35 -16.01
N GLU A 80 2.62 -22.97 -17.18
CA GLU A 80 1.39 -23.01 -17.95
C GLU A 80 0.21 -23.68 -17.23
N GLU A 81 0.50 -24.79 -16.54
CA GLU A 81 -0.54 -25.54 -15.87
C GLU A 81 -1.23 -24.67 -14.83
N GLY A 82 -0.43 -23.97 -14.04
CA GLY A 82 -0.93 -23.12 -12.97
C GLY A 82 -1.68 -21.93 -13.54
N ARG A 83 -1.14 -21.32 -14.60
CA ARG A 83 -1.82 -20.17 -15.20
C ARG A 83 -3.20 -20.57 -15.73
N LYS A 84 -3.26 -21.72 -16.37
CA LYS A 84 -4.54 -22.25 -16.87
C LYS A 84 -5.52 -22.58 -15.73
N ARG A 85 -5.00 -23.12 -14.63
N ARG A 85 -5.01 -23.10 -14.62
CA ARG A 85 -5.84 -23.38 -13.45
CA ARG A 85 -5.82 -23.41 -13.45
C ARG A 85 -6.41 -22.09 -12.86
C ARG A 85 -6.32 -22.15 -12.72
N LEU A 86 -5.60 -21.03 -12.86
CA LEU A 86 -6.01 -19.78 -12.22
C LEU A 86 -7.08 -19.05 -13.03
N ALA A 87 -7.00 -19.21 -14.37
CA ALA A 87 -7.80 -18.41 -15.33
C ALA A 87 -9.31 -18.37 -15.02
N PRO A 88 -9.92 -19.50 -14.63
CA PRO A 88 -11.36 -19.53 -14.33
C PRO A 88 -11.82 -18.70 -13.14
N CYS A 89 -10.87 -18.17 -12.37
CA CYS A 89 -11.17 -17.28 -11.26
C CYS A 89 -11.59 -15.88 -11.70
N SER A 90 -11.32 -15.52 -12.96
CA SER A 90 -11.67 -14.21 -13.51
C SER A 90 -12.60 -14.30 -14.70
N GLN A 91 -13.48 -13.30 -14.81
CA GLN A 91 -14.31 -13.09 -15.98
C GLN A 91 -13.89 -11.88 -16.82
N GLN A 92 -12.78 -11.26 -16.47
CA GLN A 92 -12.27 -10.12 -17.25
C GLN A 92 -11.45 -10.66 -18.40
N PRO A 93 -11.85 -10.34 -19.64
CA PRO A 93 -11.15 -10.94 -20.78
C PRO A 93 -9.62 -10.81 -20.84
N TRP A 94 -9.07 -9.69 -20.37
CA TRP A 94 -7.62 -9.49 -20.42
C TRP A 94 -6.85 -10.42 -19.48
N PHE A 95 -7.47 -10.85 -18.39
CA PHE A 95 -6.76 -11.50 -17.29
C PHE A 95 -5.92 -12.72 -17.66
N PRO A 96 -6.46 -13.63 -18.48
CA PRO A 96 -5.64 -14.79 -18.84
C PRO A 96 -4.44 -14.52 -19.75
N GLY A 97 -4.22 -13.27 -20.15
CA GLY A 97 -3.07 -12.91 -20.99
C GLY A 97 -1.80 -12.54 -20.23
N ALA A 98 -1.84 -12.46 -18.88
CA ALA A 98 -0.66 -12.05 -18.09
C ALA A 98 0.32 -13.21 -17.91
N PRO A 99 1.61 -12.99 -18.20
CA PRO A 99 2.57 -14.05 -18.03
C PRO A 99 2.79 -14.55 -16.64
N ILE A 100 2.72 -13.64 -15.65
CA ILE A 100 3.00 -14.00 -14.26
C ILE A 100 1.92 -13.45 -13.37
N TYR A 101 1.51 -14.27 -12.41
CA TYR A 101 0.60 -13.83 -11.36
C TYR A 101 1.25 -14.03 -10.00
N ILE A 102 1.19 -13.00 -9.14
CA ILE A 102 1.57 -13.16 -7.75
C ILE A 102 0.31 -13.02 -6.90
N ILE A 103 -0.13 -14.16 -6.36
CA ILE A 103 -1.35 -14.21 -5.52
C ILE A 103 -0.92 -13.91 -4.10
N THR A 104 -1.39 -12.78 -3.57
CA THR A 104 -1.02 -12.40 -2.21
C THR A 104 -2.09 -12.90 -1.24
N LEU A 105 -1.65 -13.81 -0.38
CA LEU A 105 -2.47 -14.43 0.59
C LEU A 105 -2.31 -13.69 1.92
N GLY A 106 -3.42 -13.47 2.60
CA GLY A 106 -3.38 -12.85 3.93
C GLY A 106 -3.73 -13.89 4.97
N ASP A 107 -2.94 -13.94 6.03
CA ASP A 107 -3.10 -14.96 7.08
C ASP A 107 -3.82 -14.35 8.29
N HIS A 108 -5.11 -14.65 8.44
N HIS A 108 -5.12 -14.73 8.44
CA HIS A 108 -5.86 -14.07 9.55
CA HIS A 108 -6.02 -14.27 9.55
C HIS A 108 -5.32 -14.49 10.93
C HIS A 108 -5.73 -14.83 10.93
N GLN A 109 -4.73 -15.68 11.02
CA GLN A 109 -4.18 -16.11 12.30
C GLN A 109 -2.92 -15.34 12.71
N ARG A 110 -2.25 -14.66 11.75
CA ARG A 110 -1.00 -13.96 12.02
C ARG A 110 -1.11 -12.45 12.03
N ALA A 111 -2.21 -11.91 11.47
CA ALA A 111 -2.40 -10.48 11.35
C ALA A 111 -2.87 -9.84 12.67
N TRP A 112 -2.32 -8.66 12.98
CA TRP A 112 -2.73 -7.86 14.11
C TRP A 112 -4.24 -7.64 14.16
N LYS A 113 -4.82 -7.74 15.36
CA LYS A 113 -6.29 -7.55 15.55
C LYS A 113 -6.61 -6.12 15.88
N ARG A 114 -7.70 -5.62 15.29
CA ARG A 114 -8.30 -4.37 15.69
C ARG A 114 -9.81 -4.49 15.60
N GLY A 115 -10.48 -4.06 16.67
CA GLY A 115 -11.92 -4.17 16.74
C GLY A 115 -12.29 -5.64 16.65
N ALA A 116 -13.22 -5.93 15.75
CA ALA A 116 -13.57 -7.33 15.49
C ALA A 116 -12.92 -7.86 14.21
N GLY A 117 -11.96 -7.12 13.64
CA GLY A 117 -11.27 -7.60 12.47
C GLY A 117 -9.77 -7.62 12.67
N ASP A 118 -9.06 -7.49 11.55
CA ASP A 118 -7.60 -7.57 11.56
C ASP A 118 -6.98 -6.78 10.41
N SER A 119 -5.64 -6.74 10.40
CA SER A 119 -4.89 -5.97 9.42
C SER A 119 -4.58 -6.72 8.13
N VAL A 120 -5.23 -7.84 7.85
CA VAL A 120 -4.93 -8.58 6.60
C VAL A 120 -5.04 -7.70 5.33
N ASP A 121 -6.15 -6.98 5.18
CA ASP A 121 -6.32 -6.13 3.96
C ASP A 121 -5.30 -5.01 3.93
N ILE A 122 -5.06 -4.36 5.07
CA ILE A 122 -4.05 -3.32 5.15
C ILE A 122 -2.65 -3.87 4.79
N ASP A 123 -2.19 -4.87 5.55
CA ASP A 123 -0.81 -5.31 5.43
C ASP A 123 -0.52 -5.93 4.06
N THR A 124 -1.44 -6.75 3.54
CA THR A 124 -1.23 -7.35 2.23
C THR A 124 -1.15 -6.28 1.13
N SER A 125 -1.93 -5.22 1.32
CA SER A 125 -1.94 -4.12 0.38
C SER A 125 -0.64 -3.30 0.39
N ILE A 126 0.02 -3.22 1.52
CA ILE A 126 1.35 -2.56 1.53
C ILE A 126 2.34 -3.43 0.72
N ALA A 127 2.31 -4.74 0.97
CA ALA A 127 3.22 -5.65 0.24
C ALA A 127 2.91 -5.56 -1.30
N MSE A 128 1.62 -5.61 -1.65
CA MSE A 128 1.20 -5.50 -3.06
C MSE A 128 1.70 -4.17 -3.67
O MSE A 128 2.18 -4.15 -4.81
CB MSE A 128 -0.33 -5.60 -3.18
CG MSE A 128 -0.83 -7.03 -3.13
SE MSE A 128 -0.60 -7.97 -4.84
CE MSE A 128 -1.62 -6.77 -6.00
N THR A 129 1.58 -3.09 -2.92
CA THR A 129 2.00 -1.76 -3.41
C THR A 129 3.54 -1.79 -3.67
N TYR A 130 4.28 -2.31 -2.70
CA TYR A 130 5.74 -2.43 -2.86
C TYR A 130 6.05 -3.25 -4.12
N MSE A 131 5.33 -4.33 -4.32
CA MSE A 131 5.63 -5.24 -5.45
C MSE A 131 5.27 -4.57 -6.79
O MSE A 131 6.01 -4.67 -7.80
CB MSE A 131 4.96 -6.62 -5.28
CG MSE A 131 5.56 -7.45 -4.16
SE MSE A 131 4.97 -9.26 -4.07
CE MSE A 131 3.11 -8.97 -3.58
N MSE A 132 4.12 -3.92 -6.83
CA MSE A 132 3.69 -3.14 -8.01
C MSE A 132 4.74 -2.09 -8.38
O MSE A 132 5.14 -1.94 -9.55
CB MSE A 132 2.35 -2.44 -7.71
CG MSE A 132 1.86 -1.53 -8.79
SE MSE A 132 0.17 -0.69 -8.42
CE MSE A 132 0.73 0.47 -6.97
N LEU A 133 5.17 -1.32 -7.39
CA LEU A 133 6.20 -0.29 -7.61
C LEU A 133 7.54 -0.88 -8.03
N GLU A 134 7.92 -1.99 -7.40
CA GLU A 134 9.16 -2.65 -7.81
C GLU A 134 9.11 -3.12 -9.27
N ALA A 135 8.01 -3.75 -9.67
CA ALA A 135 7.80 -4.18 -11.07
C ALA A 135 7.95 -2.98 -12.03
N HIS A 136 7.32 -1.87 -11.67
CA HIS A 136 7.39 -0.63 -12.46
C HIS A 136 8.85 -0.16 -12.58
N SER A 137 9.58 -0.20 -11.46
CA SER A 137 11.00 0.25 -11.46
C SER A 137 11.90 -0.59 -12.36
N LEU A 138 11.48 -1.82 -12.62
CA LEU A 138 12.25 -2.75 -13.41
C LEU A 138 11.74 -2.82 -14.86
N GLY A 139 10.92 -1.84 -15.25
CA GLY A 139 10.38 -1.75 -16.62
C GLY A 139 9.31 -2.76 -17.03
N LEU A 140 8.65 -3.36 -16.05
CA LEU A 140 7.54 -4.25 -16.30
C LEU A 140 6.22 -3.52 -16.17
N GLY A 141 5.19 -4.07 -16.77
CA GLY A 141 3.82 -3.58 -16.61
C GLY A 141 3.05 -4.50 -15.70
N CYS A 142 2.08 -3.96 -14.98
CA CYS A 142 1.26 -4.79 -14.18
C CYS A 142 -0.10 -4.17 -13.93
N THR A 143 -1.03 -5.00 -13.46
CA THR A 143 -2.31 -4.56 -12.92
C THR A 143 -2.59 -5.30 -11.63
N TRP A 144 -3.00 -4.54 -10.63
CA TRP A 144 -3.52 -5.07 -9.37
C TRP A 144 -4.91 -5.59 -9.60
N VAL A 145 -5.17 -6.83 -9.21
CA VAL A 145 -6.47 -7.52 -9.45
C VAL A 145 -7.14 -7.96 -8.13
N CYS A 146 -8.37 -7.48 -7.92
CA CYS A 146 -9.24 -7.95 -6.82
C CYS A 146 -10.55 -8.54 -7.32
N ALA A 147 -10.86 -8.35 -8.63
CA ALA A 147 -12.09 -8.93 -9.18
C ALA A 147 -11.83 -10.38 -9.60
N PHE A 148 -11.91 -11.30 -8.63
CA PHE A 148 -11.75 -12.73 -8.88
C PHE A 148 -12.49 -13.52 -7.82
N ASP A 149 -12.78 -14.78 -8.14
CA ASP A 149 -13.56 -15.66 -7.28
C ASP A 149 -12.58 -16.21 -6.22
N GLN A 150 -12.58 -15.59 -5.05
CA GLN A 150 -11.58 -15.93 -4.01
C GLN A 150 -11.74 -17.37 -3.49
N ALA A 151 -13.00 -17.78 -3.27
CA ALA A 151 -13.25 -19.12 -2.78
C ALA A 151 -12.81 -20.19 -3.79
N LEU A 152 -12.99 -19.90 -5.08
CA LEU A 152 -12.53 -20.79 -6.13
C LEU A 152 -10.98 -20.87 -6.15
N CYS A 153 -10.33 -19.72 -6.07
CA CYS A 153 -8.88 -19.65 -5.94
C CYS A 153 -8.39 -20.52 -4.77
N SER A 154 -9.04 -20.37 -3.61
CA SER A 154 -8.71 -21.19 -2.42
C SER A 154 -8.91 -22.69 -2.65
N GLU A 155 -9.99 -23.04 -3.33
CA GLU A 155 -10.22 -24.44 -3.67
C GLU A 155 -9.15 -24.98 -4.65
N ILE A 156 -8.82 -24.23 -5.69
CA ILE A 156 -7.90 -24.71 -6.72
C ILE A 156 -6.50 -24.91 -6.13
N PHE A 157 -6.06 -23.96 -5.30
CA PHE A 157 -4.71 -23.95 -4.76
C PHE A 157 -4.62 -24.49 -3.32
N ASP A 158 -5.65 -25.18 -2.85
CA ASP A 158 -5.62 -25.80 -1.53
C ASP A 158 -5.19 -24.80 -0.44
N ILE A 159 -5.75 -23.59 -0.48
CA ILE A 159 -5.37 -22.56 0.47
C ILE A 159 -6.14 -22.86 1.80
N PRO A 160 -5.40 -22.96 2.94
CA PRO A 160 -6.08 -23.18 4.23
C PRO A 160 -7.14 -22.12 4.52
N SER A 161 -8.19 -22.53 5.25
N SER A 161 -8.21 -22.50 5.25
CA SER A 161 -9.33 -21.65 5.56
CA SER A 161 -9.33 -21.59 5.46
C SER A 161 -8.90 -20.32 6.16
C SER A 161 -9.00 -20.35 6.29
N HIS A 162 -7.90 -20.37 7.03
CA HIS A 162 -7.44 -19.20 7.76
C HIS A 162 -6.62 -18.19 6.92
N MSE A 163 -6.38 -18.53 5.67
CA MSE A 163 -5.71 -17.63 4.74
C MSE A 163 -6.68 -17.26 3.61
O MSE A 163 -7.48 -18.06 3.17
CB MSE A 163 -4.43 -18.29 4.22
CG MSE A 163 -3.38 -18.52 5.30
SE MSE A 163 -2.03 -19.81 4.72
CE MSE A 163 -1.16 -18.73 3.46
N THR A 164 -6.62 -16.01 3.16
CA THR A 164 -7.49 -15.53 2.12
C THR A 164 -6.65 -14.96 0.97
N PRO A 165 -6.94 -15.38 -0.28
CA PRO A 165 -6.28 -14.66 -1.40
C PRO A 165 -6.91 -13.28 -1.55
N VAL A 166 -6.18 -12.21 -1.20
CA VAL A 166 -6.78 -10.86 -1.14
C VAL A 166 -6.71 -10.12 -2.48
N SER A 167 -5.54 -10.22 -3.11
CA SER A 167 -5.17 -9.48 -4.32
C SER A 167 -4.24 -10.33 -5.15
N ILE A 168 -4.24 -10.08 -6.46
CA ILE A 168 -3.28 -10.72 -7.40
C ILE A 168 -2.56 -9.67 -8.21
N LEU A 169 -1.25 -9.72 -8.28
CA LEU A 169 -0.50 -8.81 -9.14
C LEU A 169 -0.28 -9.55 -10.43
N ALA A 170 -0.91 -9.06 -11.51
CA ALA A 170 -0.74 -9.61 -12.86
C ALA A 170 0.34 -8.78 -13.57
N LEU A 171 1.40 -9.44 -14.04
CA LEU A 171 2.59 -8.71 -14.51
C LEU A 171 3.29 -9.39 -15.70
N GLY A 172 4.06 -8.57 -16.41
CA GLY A 172 4.84 -9.01 -17.54
C GLY A 172 5.39 -7.80 -18.27
N TYR A 173 6.00 -8.03 -19.43
CA TYR A 173 6.38 -6.93 -20.29
C TYR A 173 5.16 -6.43 -21.04
N GLY A 174 4.85 -5.15 -20.88
CA GLY A 174 3.70 -4.58 -21.55
C GLY A 174 3.83 -4.50 -23.07
N ASP A 175 2.70 -4.56 -23.75
CA ASP A 175 2.68 -4.33 -25.17
C ASP A 175 2.78 -2.84 -25.45
N PRO A 176 3.90 -2.41 -26.03
CA PRO A 176 4.13 -0.96 -26.19
C PRO A 176 3.20 -0.29 -27.21
N THR A 177 2.44 -1.07 -27.98
CA THR A 177 1.52 -0.50 -28.96
C THR A 177 0.13 -0.28 -28.38
N VAL A 178 -0.06 -0.60 -27.11
CA VAL A 178 -1.36 -0.51 -26.49
C VAL A 178 -1.32 0.64 -25.49
N PRO A 179 -2.09 1.71 -25.73
CA PRO A 179 -2.03 2.82 -24.78
C PRO A 179 -2.75 2.49 -23.49
N PRO A 180 -2.64 3.38 -22.49
CA PRO A 180 -3.41 3.15 -21.29
C PRO A 180 -4.93 3.12 -21.62
N ARG A 181 -5.67 2.39 -20.78
CA ARG A 181 -7.06 2.05 -21.05
C ARG A 181 -7.91 3.32 -21.17
N GLU A 182 -7.61 4.31 -20.34
CA GLU A 182 -8.26 5.61 -20.42
C GLU A 182 -7.29 6.71 -19.98
N ALA A 183 -7.67 7.97 -20.23
CA ALA A 183 -6.86 9.08 -19.79
C ALA A 183 -6.81 9.05 -18.25
N PHE A 184 -5.64 9.40 -17.71
CA PHE A 184 -5.45 9.54 -16.28
C PHE A 184 -6.47 10.50 -15.68
N ASN A 185 -7.13 10.08 -14.61
CA ASN A 185 -8.05 10.98 -13.93
C ASN A 185 -8.12 10.66 -12.45
N ARG A 186 -8.14 11.73 -11.67
CA ARG A 186 -8.26 11.66 -10.22
C ARG A 186 -9.06 12.88 -9.79
N LYS A 187 -9.67 12.75 -8.64
CA LYS A 187 -10.29 13.88 -7.97
C LYS A 187 -9.26 14.98 -7.71
N THR A 188 -9.75 16.20 -7.53
CA THR A 188 -8.88 17.36 -7.23
C THR A 188 -8.33 17.25 -5.82
N ILE A 189 -7.22 17.95 -5.61
CA ILE A 189 -6.64 18.02 -4.27
C ILE A 189 -7.62 18.72 -3.30
N GLU A 190 -8.40 19.68 -3.80
CA GLU A 190 -9.42 20.33 -3.00
C GLU A 190 -10.52 19.38 -2.57
N GLU A 191 -10.85 18.40 -3.40
CA GLU A 191 -11.86 17.42 -3.04
C GLU A 191 -11.40 16.40 -1.99
N VAL A 192 -10.14 16.00 -2.05
CA VAL A 192 -9.69 14.86 -1.21
C VAL A 192 -8.97 15.27 0.09
N VAL A 193 -8.71 16.56 0.27
CA VAL A 193 -7.98 17.07 1.45
C VAL A 193 -8.81 18.04 2.27
N SER A 194 -8.81 17.84 3.60
CA SER A 194 -9.26 18.83 4.55
C SER A 194 -8.14 19.14 5.54
N PHE A 195 -8.06 20.41 5.98
CA PHE A 195 -7.10 20.83 6.98
C PHE A 195 -7.85 21.09 8.27
N GLU A 196 -7.46 20.36 9.31
CA GLU A 196 -7.91 20.51 10.71
C GLU A 196 -9.34 20.02 11.03
N LYS A 197 -10.27 20.29 10.10
CA LYS A 197 -11.68 19.92 10.23
C LYS A 197 -12.25 19.59 8.87
N LEU A 198 -13.18 18.64 8.85
CA LEU A 198 -13.89 18.25 7.65
C LEU A 198 -14.87 19.35 7.25
N PRO B 24 16.94 6.77 -12.79
CA PRO B 24 18.38 7.11 -12.84
C PRO B 24 19.29 5.86 -12.83
N GLN B 25 20.45 5.97 -13.49
CA GLN B 25 21.27 4.82 -13.94
C GLN B 25 21.41 3.66 -12.91
N ASP B 26 22.05 3.92 -11.78
N ASP B 26 21.91 4.04 -11.74
CA ASP B 26 22.10 2.90 -10.72
CA ASP B 26 22.27 3.11 -10.71
C ASP B 26 21.43 3.47 -9.47
C ASP B 26 21.31 3.19 -9.51
N PHE B 27 20.19 3.88 -9.65
CA PHE B 27 19.27 4.11 -8.54
C PHE B 27 18.40 2.87 -8.43
N ARG B 28 18.43 2.20 -7.28
CA ARG B 28 17.68 0.96 -7.05
C ARG B 28 16.59 1.19 -6.02
N LEU B 29 15.35 0.82 -6.37
CA LEU B 29 14.24 1.08 -5.52
C LEU B 29 14.40 0.36 -4.17
N ILE B 30 14.90 -0.87 -4.20
CA ILE B 30 15.06 -1.62 -2.94
C ILE B 30 16.22 -1.07 -2.12
N GLU B 31 17.44 -1.16 -2.64
CA GLU B 31 18.63 -0.84 -1.83
C GLU B 31 18.72 0.65 -1.45
N ASP B 32 18.30 1.52 -2.35
CA ASP B 32 18.55 2.96 -2.19
C ASP B 32 17.33 3.74 -1.73
N PHE B 33 16.20 3.08 -1.54
CA PHE B 33 14.95 3.82 -1.24
C PHE B 33 14.14 3.06 -0.20
N PHE B 34 13.62 1.87 -0.53
CA PHE B 34 12.85 1.12 0.48
C PHE B 34 13.67 0.83 1.74
N ARG B 35 14.87 0.29 1.56
CA ARG B 35 15.67 -0.16 2.73
C ARG B 35 16.23 0.96 3.60
N THR B 36 16.26 2.19 3.10
CA THR B 36 16.70 3.34 3.89
C THR B 36 15.57 3.92 4.76
N ARG B 37 14.33 3.48 4.53
CA ARG B 37 13.20 3.85 5.39
C ARG B 37 13.02 2.91 6.58
N ARG B 38 13.06 3.47 7.77
CA ARG B 38 12.58 2.81 9.01
C ARG B 38 11.52 3.69 9.63
N SER B 39 10.63 3.10 10.45
CA SER B 39 9.67 3.92 11.18
C SER B 39 10.38 4.89 12.12
N VAL B 40 9.94 6.13 12.08
CA VAL B 40 10.47 7.20 12.92
C VAL B 40 9.37 7.70 13.87
N ARG B 41 9.68 7.69 15.16
CA ARG B 41 8.69 8.01 16.23
C ARG B 41 9.12 9.19 17.10
N LYS B 42 10.35 9.64 16.91
CA LYS B 42 10.93 10.73 17.66
C LYS B 42 11.35 11.83 16.67
N PHE B 43 10.87 13.05 16.93
CA PHE B 43 10.95 14.16 15.96
C PHE B 43 11.62 15.37 16.58
N ILE B 44 12.25 16.17 15.73
CA ILE B 44 12.75 17.49 16.14
C ILE B 44 11.73 18.57 15.85
N ASP B 45 12.03 19.79 16.29
CA ASP B 45 11.10 20.93 16.14
C ASP B 45 10.98 21.52 14.73
N ARG B 46 11.86 21.16 13.82
CA ARG B 46 11.90 21.85 12.54
C ARG B 46 10.51 21.79 11.86
N PRO B 47 9.98 22.94 11.43
CA PRO B 47 8.71 22.89 10.73
C PRO B 47 8.81 22.16 9.41
N VAL B 48 7.74 21.45 9.07
CA VAL B 48 7.66 20.78 7.78
C VAL B 48 7.20 21.82 6.77
N GLU B 49 8.00 22.03 5.73
CA GLU B 49 7.66 22.96 4.65
C GLU B 49 6.31 22.65 4.01
N GLU B 50 5.55 23.71 3.75
CA GLU B 50 4.28 23.60 3.07
C GLU B 50 4.34 22.81 1.77
N GLU B 51 5.36 23.08 0.98
CA GLU B 51 5.54 22.38 -0.30
C GLU B 51 5.74 20.88 -0.10
N LYS B 52 6.39 20.49 0.99
CA LYS B 52 6.59 19.07 1.28
C LYS B 52 5.27 18.40 1.69
N LEU B 53 4.54 19.07 2.58
CA LEU B 53 3.19 18.57 2.96
C LEU B 53 2.30 18.40 1.74
N MSE B 54 2.29 19.40 0.86
CA MSE B 54 1.43 19.36 -0.34
C MSE B 54 1.85 18.20 -1.28
O MSE B 54 0.99 17.55 -1.90
CB MSE B 54 1.40 20.69 -1.07
CG MSE B 54 0.72 21.83 -0.31
SE MSE B 54 -0.99 21.41 0.57
CE MSE B 54 -1.91 20.66 -0.99
N ALA B 55 3.15 17.94 -1.40
CA ALA B 55 3.66 16.81 -2.21
C ALA B 55 3.18 15.47 -1.64
N ILE B 56 3.23 15.33 -0.31
CA ILE B 56 2.77 14.12 0.34
C ILE B 56 1.30 13.86 0.01
N LEU B 57 0.49 14.90 0.17
CA LEU B 57 -0.95 14.80 -0.15
C LEU B 57 -1.18 14.49 -1.64
N GLU B 58 -0.36 15.09 -2.52
CA GLU B 58 -0.45 14.82 -3.96
C GLU B 58 -0.18 13.34 -4.26
N ALA B 59 0.81 12.77 -3.57
CA ALA B 59 1.12 11.34 -3.70
C ALA B 59 -0.09 10.47 -3.32
N GLY B 60 -0.77 10.80 -2.23
CA GLY B 60 -2.01 10.12 -1.88
C GLY B 60 -3.08 10.24 -2.95
N ARG B 61 -3.29 11.46 -3.44
CA ARG B 61 -4.31 11.72 -4.45
C ARG B 61 -4.14 10.88 -5.70
N ILE B 62 -2.90 10.68 -6.14
CA ILE B 62 -2.62 10.05 -7.41
C ILE B 62 -2.48 8.54 -7.30
N ALA B 63 -2.61 8.01 -6.08
CA ALA B 63 -2.56 6.55 -5.86
C ALA B 63 -3.68 5.86 -6.70
N PRO B 64 -3.41 4.63 -7.16
CA PRO B 64 -4.48 3.85 -7.78
C PRO B 64 -5.41 3.24 -6.72
N SER B 65 -6.58 2.79 -7.15
CA SER B 65 -7.61 2.26 -6.25
C SER B 65 -8.51 1.37 -7.06
N ALA B 66 -9.20 0.45 -6.40
CA ALA B 66 -10.13 -0.45 -7.10
C ALA B 66 -11.15 0.40 -7.90
N HIS B 67 -11.24 0.15 -9.21
CA HIS B 67 -12.19 0.80 -10.09
C HIS B 67 -11.95 2.34 -10.20
N ASN B 68 -10.76 2.75 -9.77
CA ASN B 68 -10.42 4.17 -9.62
C ASN B 68 -11.47 4.98 -8.85
N TYR B 69 -12.12 4.36 -7.86
CA TYR B 69 -13.16 5.08 -7.11
C TYR B 69 -12.59 6.03 -6.07
N GLN B 70 -11.31 5.85 -5.72
CA GLN B 70 -10.62 6.78 -4.81
C GLN B 70 -11.45 7.03 -3.52
N PRO B 71 -11.80 5.97 -2.80
CA PRO B 71 -12.72 6.05 -1.66
C PRO B 71 -12.04 6.52 -0.37
N TRP B 72 -11.23 7.60 -0.48
CA TRP B 72 -10.46 8.12 0.62
C TRP B 72 -10.64 9.62 0.75
N HIS B 73 -10.31 10.12 1.93
CA HIS B 73 -10.27 11.53 2.23
C HIS B 73 -9.13 11.68 3.25
N PHE B 74 -8.32 12.72 3.05
CA PHE B 74 -7.15 12.98 3.92
C PHE B 74 -7.39 14.17 4.82
N LEU B 75 -7.49 13.89 6.13
CA LEU B 75 -7.70 14.93 7.13
C LEU B 75 -6.38 15.24 7.80
N VAL B 76 -5.85 16.42 7.47
CA VAL B 76 -4.57 16.89 8.00
C VAL B 76 -4.78 17.57 9.36
N VAL B 77 -4.00 17.17 10.35
CA VAL B 77 -4.04 17.76 11.66
C VAL B 77 -2.63 18.19 12.03
N ARG B 78 -2.41 19.51 12.05
CA ARG B 78 -1.10 20.02 12.40
C ARG B 78 -1.12 21.26 13.29
N GLU B 79 -2.27 21.90 13.47
CA GLU B 79 -2.36 23.01 14.42
C GLU B 79 -2.57 22.54 15.84
N GLU B 80 -2.20 23.37 16.81
CA GLU B 80 -2.14 22.88 18.18
C GLU B 80 -3.46 22.37 18.72
N GLU B 81 -4.56 23.04 18.41
CA GLU B 81 -5.87 22.62 18.90
C GLU B 81 -6.21 21.22 18.42
N GLY B 82 -6.03 21.01 17.13
CA GLY B 82 -6.29 19.71 16.50
C GLY B 82 -5.39 18.59 17.03
N ARG B 83 -4.09 18.87 17.14
CA ARG B 83 -3.11 17.87 17.62
C ARG B 83 -3.48 17.43 19.06
N LYS B 84 -3.84 18.40 19.88
CA LYS B 84 -4.27 18.13 21.24
C LYS B 84 -5.56 17.32 21.33
N ARG B 85 -6.51 17.63 20.45
N ARG B 85 -6.51 17.61 20.46
CA ARG B 85 -7.78 16.91 20.39
CA ARG B 85 -7.77 16.87 20.44
C ARG B 85 -7.62 15.47 19.93
C ARG B 85 -7.63 15.46 19.93
N LEU B 86 -6.62 15.22 19.08
CA LEU B 86 -6.37 13.90 18.55
C LEU B 86 -5.65 12.99 19.57
N ALA B 87 -4.82 13.60 20.42
CA ALA B 87 -3.92 12.87 21.32
C ALA B 87 -4.60 11.75 22.13
N PRO B 88 -5.80 12.00 22.68
CA PRO B 88 -6.49 10.96 23.48
C PRO B 88 -6.83 9.67 22.73
N CYS B 89 -6.82 9.72 21.38
CA CYS B 89 -7.07 8.52 20.58
C CYS B 89 -5.94 7.50 20.62
N SER B 90 -4.72 7.93 20.98
CA SER B 90 -3.57 7.07 21.07
C SER B 90 -3.18 6.82 22.50
N GLN B 91 -2.77 5.59 22.79
CA GLN B 91 -2.22 5.24 24.11
C GLN B 91 -0.69 5.11 24.12
N GLN B 92 -0.04 5.30 22.96
CA GLN B 92 1.40 5.11 22.86
C GLN B 92 2.16 6.37 23.24
N PRO B 93 3.16 6.24 24.13
CA PRO B 93 3.83 7.46 24.62
C PRO B 93 4.40 8.39 23.55
N TRP B 94 4.91 7.84 22.44
CA TRP B 94 5.59 8.66 21.40
C TRP B 94 4.61 9.53 20.58
N PHE B 95 3.37 9.07 20.48
CA PHE B 95 2.40 9.62 19.52
C PHE B 95 2.19 11.14 19.59
N PRO B 96 2.02 11.73 20.81
CA PRO B 96 1.86 13.20 20.88
C PRO B 96 3.08 14.03 20.46
N GLY B 97 4.20 13.39 20.16
CA GLY B 97 5.38 14.11 19.68
C GLY B 97 5.41 14.43 18.18
N ALA B 98 4.53 13.81 17.39
CA ALA B 98 4.53 13.98 15.94
C ALA B 98 3.98 15.34 15.53
N PRO B 99 4.75 16.13 14.76
CA PRO B 99 4.20 17.43 14.37
C PRO B 99 2.97 17.46 13.47
N ILE B 100 2.86 16.49 12.57
CA ILE B 100 1.81 16.46 11.57
C ILE B 100 1.19 15.06 11.57
N TYR B 101 -0.15 15.03 11.55
CA TYR B 101 -0.87 13.78 11.37
C TYR B 101 -1.73 13.88 10.12
N ILE B 102 -1.67 12.85 9.28
CA ILE B 102 -2.63 12.74 8.17
C ILE B 102 -3.53 11.55 8.45
N ILE B 103 -4.78 11.87 8.81
CA ILE B 103 -5.78 10.86 9.13
C ILE B 103 -6.43 10.45 7.79
N THR B 104 -6.24 9.19 7.39
CA THR B 104 -6.80 8.71 6.12
C THR B 104 -8.15 8.04 6.40
N LEU B 105 -9.18 8.68 5.90
CA LEU B 105 -10.56 8.21 6.01
C LEU B 105 -10.90 7.35 4.79
N GLY B 106 -11.64 6.28 5.02
CA GLY B 106 -12.15 5.40 3.97
C GLY B 106 -13.67 5.54 3.91
N ASP B 107 -14.21 5.60 2.69
CA ASP B 107 -15.62 5.82 2.45
C ASP B 107 -16.28 4.51 1.97
N HIS B 108 -17.03 3.86 2.85
CA HIS B 108 -17.63 2.55 2.53
C HIS B 108 -18.68 2.63 1.44
N GLN B 109 -19.32 3.77 1.29
CA GLN B 109 -20.29 3.95 0.19
C GLN B 109 -19.63 3.98 -1.19
N ARG B 110 -18.48 4.64 -1.29
CA ARG B 110 -17.84 4.86 -2.56
C ARG B 110 -16.90 3.72 -2.94
N ALA B 111 -16.36 2.98 -1.96
CA ALA B 111 -15.38 1.89 -2.25
C ALA B 111 -15.98 0.75 -3.08
N TRP B 112 -15.13 0.19 -3.93
CA TRP B 112 -15.49 -0.95 -4.73
C TRP B 112 -15.91 -2.11 -3.80
N LYS B 113 -16.90 -2.89 -4.23
CA LYS B 113 -17.47 -3.93 -3.40
C LYS B 113 -17.08 -5.33 -3.85
N ARG B 114 -16.79 -6.18 -2.86
CA ARG B 114 -16.53 -7.59 -3.10
C ARG B 114 -17.15 -8.44 -1.97
N GLY B 115 -17.95 -9.43 -2.32
CA GLY B 115 -18.71 -10.19 -1.33
C GLY B 115 -19.50 -9.23 -0.44
N ALA B 116 -19.45 -9.50 0.87
CA ALA B 116 -20.08 -8.65 1.89
C ALA B 116 -19.19 -7.49 2.35
N GLY B 117 -18.02 -7.34 1.74
CA GLY B 117 -17.10 -6.29 2.14
C GLY B 117 -16.80 -5.27 1.06
N ASP B 118 -15.72 -4.54 1.27
CA ASP B 118 -15.35 -3.47 0.35
C ASP B 118 -13.85 -3.23 0.41
N SER B 119 -13.36 -2.38 -0.52
CA SER B 119 -11.92 -2.14 -0.68
C SER B 119 -11.41 -0.96 0.17
N VAL B 120 -12.14 -0.53 1.18
CA VAL B 120 -11.67 0.60 2.02
C VAL B 120 -10.29 0.31 2.61
N ASP B 121 -10.10 -0.84 3.24
CA ASP B 121 -8.79 -1.07 3.87
C ASP B 121 -7.68 -1.22 2.81
N ILE B 122 -8.00 -1.87 1.71
CA ILE B 122 -7.04 -1.99 0.57
C ILE B 122 -6.64 -0.63 0.00
N ASP B 123 -7.65 0.12 -0.42
CA ASP B 123 -7.42 1.39 -1.13
C ASP B 123 -6.76 2.43 -0.23
N THR B 124 -7.29 2.63 0.98
CA THR B 124 -6.68 3.61 1.90
C THR B 124 -5.21 3.26 2.17
N SER B 125 -4.89 1.97 2.17
CA SER B 125 -3.53 1.52 2.41
C SER B 125 -2.57 1.76 1.24
N ILE B 126 -3.10 1.75 0.01
CA ILE B 126 -2.29 2.15 -1.14
C ILE B 126 -1.97 3.65 -1.00
N ALA B 127 -2.98 4.46 -0.72
CA ALA B 127 -2.74 5.88 -0.56
C ALA B 127 -1.74 6.18 0.60
N MSE B 128 -1.92 5.50 1.73
CA MSE B 128 -1.00 5.59 2.88
C MSE B 128 0.42 5.22 2.48
O MSE B 128 1.38 5.91 2.84
CB MSE B 128 -1.47 4.75 4.05
CG MSE B 128 -2.61 5.37 4.84
SE MSE B 128 -1.95 6.77 6.07
CE MSE B 128 -0.69 5.65 7.14
N THR B 129 0.57 4.16 1.67
CA THR B 129 1.91 3.71 1.25
C THR B 129 2.55 4.80 0.37
N TYR B 130 1.79 5.33 -0.58
CA TYR B 130 2.30 6.38 -1.44
C TYR B 130 2.75 7.60 -0.61
N MSE B 131 1.94 7.97 0.40
CA MSE B 131 2.29 9.13 1.24
C MSE B 131 3.52 8.89 2.16
O MSE B 131 4.40 9.78 2.30
CB MSE B 131 1.06 9.61 2.06
CG MSE B 131 -0.09 10.12 1.16
SE MSE B 131 -1.51 10.98 2.15
CE MSE B 131 -2.26 9.41 3.01
N MSE B 132 3.63 7.66 2.70
CA MSE B 132 4.76 7.22 3.50
C MSE B 132 6.05 7.29 2.64
O MSE B 132 7.10 7.83 3.07
CB MSE B 132 4.56 5.81 4.03
CG MSE B 132 5.77 5.26 4.74
SE MSE B 132 5.43 3.47 5.40
CE MSE B 132 5.34 2.55 3.67
N LEU B 133 5.96 6.75 1.44
CA LEU B 133 7.09 6.76 0.51
C LEU B 133 7.41 8.19 0.06
N GLU B 134 6.37 8.98 -0.24
CA GLU B 134 6.64 10.38 -0.60
C GLU B 134 7.39 11.14 0.53
N ALA B 135 6.90 11.02 1.74
CA ALA B 135 7.53 11.65 2.91
C ALA B 135 9.01 11.21 3.00
N HIS B 136 9.26 9.93 2.81
CA HIS B 136 10.63 9.40 2.85
C HIS B 136 11.49 10.07 1.77
N SER B 137 10.94 10.25 0.58
CA SER B 137 11.71 10.82 -0.54
C SER B 137 12.06 12.29 -0.30
N LEU B 138 11.28 12.96 0.55
CA LEU B 138 11.46 14.37 0.91
C LEU B 138 12.23 14.62 2.23
N GLY B 139 12.88 13.59 2.74
CA GLY B 139 13.76 13.74 3.90
C GLY B 139 13.05 13.75 5.24
N LEU B 140 11.79 13.30 5.23
CA LEU B 140 10.97 13.29 6.45
C LEU B 140 10.89 11.91 7.04
N GLY B 141 10.59 11.84 8.34
CA GLY B 141 10.40 10.56 9.03
C GLY B 141 8.93 10.39 9.30
N CYS B 142 8.46 9.14 9.34
CA CYS B 142 7.06 8.94 9.70
C CYS B 142 6.85 7.55 10.25
N THR B 143 5.69 7.37 10.87
CA THR B 143 5.21 6.07 11.30
C THR B 143 3.75 5.95 10.93
N TRP B 144 3.43 4.82 10.29
CA TRP B 144 2.04 4.40 9.98
C TRP B 144 1.43 3.95 11.30
N VAL B 145 0.28 4.52 11.65
CA VAL B 145 -0.41 4.22 12.90
C VAL B 145 -1.81 3.65 12.64
N CYS B 146 -2.03 2.44 13.13
CA CYS B 146 -3.36 1.87 13.18
C CYS B 146 -3.86 1.65 14.62
N ALA B 147 -2.98 1.75 15.63
CA ALA B 147 -3.37 1.61 17.04
C ALA B 147 -3.88 2.95 17.59
N PHE B 148 -5.12 3.26 17.21
CA PHE B 148 -5.81 4.41 17.74
C PHE B 148 -7.29 4.10 17.83
N ASP B 149 -7.93 4.86 18.70
CA ASP B 149 -9.34 4.76 19.05
C ASP B 149 -10.19 5.37 17.92
N GLN B 150 -10.63 4.50 17.01
CA GLN B 150 -11.31 4.99 15.78
C GLN B 150 -12.67 5.60 16.13
N ALA B 151 -13.40 4.98 17.06
CA ALA B 151 -14.70 5.55 17.47
C ALA B 151 -14.56 6.94 18.06
N LEU B 152 -13.60 7.14 18.97
N LEU B 152 -13.58 7.12 18.93
CA LEU B 152 -13.34 8.45 19.56
CA LEU B 152 -13.31 8.41 19.57
C LEU B 152 -12.91 9.44 18.50
C LEU B 152 -12.88 9.42 18.52
N CYS B 153 -12.03 9.00 17.60
CA CYS B 153 -11.62 9.84 16.47
C CYS B 153 -12.82 10.32 15.65
N SER B 154 -13.75 9.40 15.34
CA SER B 154 -14.97 9.77 14.61
C SER B 154 -15.83 10.79 15.36
N GLU B 155 -15.95 10.63 16.67
CA GLU B 155 -16.66 11.56 17.51
C GLU B 155 -15.98 12.96 17.50
N ILE B 156 -14.69 12.97 17.77
CA ILE B 156 -13.92 14.21 17.89
C ILE B 156 -14.00 15.04 16.58
N PHE B 157 -13.87 14.36 15.46
CA PHE B 157 -13.75 15.03 14.18
C PHE B 157 -15.04 14.97 13.35
N ASP B 158 -16.14 14.60 14.00
CA ASP B 158 -17.45 14.56 13.34
C ASP B 158 -17.41 13.84 11.97
N ILE B 159 -16.83 12.65 11.97
CA ILE B 159 -16.66 11.88 10.74
C ILE B 159 -17.98 11.16 10.45
N PRO B 160 -18.54 11.34 9.24
CA PRO B 160 -19.80 10.66 8.92
C PRO B 160 -19.74 9.15 9.12
N SER B 161 -20.88 8.56 9.49
CA SER B 161 -20.95 7.14 9.86
C SER B 161 -20.53 6.19 8.73
N HIS B 162 -20.74 6.59 7.48
CA HIS B 162 -20.29 5.78 6.34
C HIS B 162 -18.78 5.87 6.01
N MSE B 163 -18.01 6.64 6.79
CA MSE B 163 -16.57 6.81 6.63
C MSE B 163 -15.90 6.31 7.93
O MSE B 163 -16.49 6.39 9.03
CB MSE B 163 -16.26 8.27 6.36
CG MSE B 163 -16.81 8.71 5.05
SE MSE B 163 -16.62 10.63 4.78
CE MSE B 163 -14.71 10.57 4.55
N THR B 164 -14.73 5.73 7.77
CA THR B 164 -13.95 5.22 8.88
C THR B 164 -12.57 5.79 8.82
N PRO B 165 -12.04 6.30 9.97
CA PRO B 165 -10.63 6.64 10.00
C PRO B 165 -9.80 5.34 10.08
N VAL B 166 -9.07 5.00 9.00
CA VAL B 166 -8.45 3.68 8.91
C VAL B 166 -7.04 3.67 9.50
N SER B 167 -6.27 4.69 9.08
CA SER B 167 -4.85 4.80 9.39
C SER B 167 -4.49 6.25 9.58
N ILE B 168 -3.41 6.49 10.33
CA ILE B 168 -2.85 7.84 10.49
C ILE B 168 -1.38 7.80 10.13
N LEU B 169 -0.94 8.72 9.29
CA LEU B 169 0.50 8.88 9.02
C LEU B 169 0.98 10.01 9.93
N ALA B 170 1.81 9.63 10.89
CA ALA B 170 2.44 10.55 11.84
C ALA B 170 3.79 10.91 11.25
N LEU B 171 4.06 12.19 11.04
CA LEU B 171 5.26 12.61 10.31
C LEU B 171 5.85 13.95 10.77
N GLY B 172 7.13 14.12 10.41
CA GLY B 172 7.89 15.33 10.68
C GLY B 172 9.36 15.07 10.37
N TYR B 173 10.25 15.98 10.76
CA TYR B 173 11.69 15.69 10.69
C TYR B 173 12.10 14.82 11.88
N GLY B 174 12.75 13.70 11.59
CA GLY B 174 13.17 12.79 12.60
C GLY B 174 14.36 13.34 13.36
N ASP B 175 14.48 12.92 14.61
CA ASP B 175 15.65 13.19 15.43
C ASP B 175 16.75 12.28 14.96
N PRO B 176 17.78 12.85 14.33
CA PRO B 176 18.83 11.97 13.77
C PRO B 176 19.69 11.29 14.86
N THR B 177 19.57 11.73 16.11
CA THR B 177 20.29 11.10 17.21
C THR B 177 19.61 9.84 17.76
N VAL B 178 18.38 9.55 17.28
CA VAL B 178 17.62 8.40 17.78
C VAL B 178 17.60 7.28 16.74
N PRO B 179 18.10 6.10 17.12
CA PRO B 179 18.12 5.01 16.15
C PRO B 179 16.72 4.39 16.00
N PRO B 180 16.55 3.53 15.00
CA PRO B 180 15.31 2.79 14.88
C PRO B 180 14.97 2.06 16.20
N ARG B 181 13.67 1.82 16.39
CA ARG B 181 13.17 1.23 17.63
C ARG B 181 13.76 -0.16 17.88
N GLU B 182 13.99 -0.91 16.81
CA GLU B 182 14.62 -2.25 16.89
C GLU B 182 15.33 -2.51 15.57
N ALA B 183 16.20 -3.50 15.58
CA ALA B 183 16.95 -3.87 14.40
C ALA B 183 15.96 -4.35 13.32
N PHE B 184 16.25 -4.04 12.06
CA PHE B 184 15.48 -4.52 10.91
C PHE B 184 15.43 -6.04 10.93
N ASN B 185 14.24 -6.58 10.83
CA ASN B 185 14.07 -8.03 10.67
C ASN B 185 12.84 -8.39 9.82
N ARG B 186 13.02 -9.34 8.91
CA ARG B 186 11.93 -9.90 8.11
C ARG B 186 12.16 -11.40 7.99
N LYS B 187 11.07 -12.13 7.72
CA LYS B 187 11.13 -13.55 7.43
C LYS B 187 11.98 -13.73 6.18
N THR B 188 12.49 -14.94 5.99
CA THR B 188 13.32 -15.22 4.82
C THR B 188 12.43 -15.34 3.60
N ILE B 189 13.06 -15.18 2.45
CA ILE B 189 12.34 -15.25 1.18
C ILE B 189 11.71 -16.62 1.02
N GLU B 190 12.42 -17.67 1.47
CA GLU B 190 11.88 -19.02 1.34
C GLU B 190 10.64 -19.26 2.21
N GLU B 191 10.54 -18.55 3.34
CA GLU B 191 9.36 -18.66 4.17
C GLU B 191 8.13 -18.03 3.54
N VAL B 192 8.31 -16.90 2.87
CA VAL B 192 7.15 -16.11 2.43
C VAL B 192 6.70 -16.33 0.97
N VAL B 193 7.49 -17.12 0.21
CA VAL B 193 7.23 -17.38 -1.21
C VAL B 193 7.01 -18.85 -1.47
N SER B 194 6.00 -19.16 -2.26
CA SER B 194 5.79 -20.46 -2.89
C SER B 194 5.62 -20.29 -4.38
N PHE B 195 6.25 -21.19 -5.13
CA PHE B 195 6.11 -21.27 -6.58
C PHE B 195 5.15 -22.35 -6.96
N GLU B 196 4.05 -21.94 -7.60
CA GLU B 196 3.03 -22.80 -8.24
C GLU B 196 2.09 -23.54 -7.30
N LYS B 197 2.61 -24.03 -6.17
CA LYS B 197 1.77 -24.68 -5.16
C LYS B 197 2.33 -24.39 -3.79
N LEU B 198 1.43 -24.32 -2.81
CA LEU B 198 1.81 -24.13 -1.41
C LEU B 198 2.50 -25.35 -0.85
N1 FMN C . -8.14 -3.46 -12.88
C2 FMN C . -8.73 -4.53 -13.49
O2 FMN C . -8.78 -4.58 -14.73
N3 FMN C . -9.26 -5.58 -12.75
C4 FMN C . -9.24 -5.58 -11.36
O4 FMN C . -9.76 -6.53 -10.70
C4A FMN C . -8.66 -4.48 -10.74
N5 FMN C . -8.66 -4.45 -9.36
C5A FMN C . -7.96 -3.45 -8.72
C6 FMN C . -7.89 -3.51 -7.33
C7 FMN C . -7.16 -2.53 -6.66
C7M FMN C . -7.07 -2.53 -5.16
C8 FMN C . -6.49 -1.54 -7.37
C8M FMN C . -5.68 -0.49 -6.68
C9 FMN C . -6.61 -1.48 -8.74
C9A FMN C . -7.32 -2.43 -9.44
N10 FMN C . -7.44 -2.40 -10.86
C10 FMN C . -8.08 -3.43 -11.49
C1' FMN C . -6.65 -1.40 -11.68
C2' FMN C . -7.38 -0.07 -11.61
O2' FMN C . -8.43 -0.07 -12.57
C3' FMN C . -6.44 1.13 -11.82
O3' FMN C . -5.38 1.07 -10.86
C4' FMN C . -7.16 2.49 -11.79
O4' FMN C . -8.12 2.63 -12.83
C5' FMN C . -6.19 3.66 -11.88
O5' FMN C . -5.49 3.59 -13.11
P FMN C . -3.93 3.62 -13.14
O1P FMN C . -3.49 2.39 -12.36
O2P FMN C . -3.43 4.89 -12.49
O3P FMN C . -3.54 3.43 -14.59
O1 UNL D . 3.39 -1.83 14.60
O2 UNL D . 3.43 -1.69 15.78
O3 UNL D . 4.54 -1.67 16.98
O4 UNL D . 1.29 -1.84 16.27
O5 UNL D . -0.29 -1.64 16.33
O6 UNL D . -0.78 -2.22 18.56
O7 UNL D . 0.80 -1.05 18.48
O8 UNL D . 2.42 -1.11 17.76
O9 UNL D . -1.95 -1.87 20.81
O10 UNL D . -0.76 -2.90 20.49
S SO4 E . 4.91 -8.36 19.50
O1 SO4 E . 4.62 -7.12 18.77
O2 SO4 E . 6.12 -8.94 18.89
O3 SO4 E . 3.84 -9.27 19.32
O4 SO4 E . 5.11 -8.04 20.92
S SO4 F . -1.71 16.16 -15.09
O1 SO4 F . -2.58 17.32 -15.28
O2 SO4 F . -0.53 16.10 -15.96
O3 SO4 F . -2.44 14.93 -15.34
O4 SO4 F . -1.33 16.25 -13.68
C1 EDO G . 16.70 -9.10 -5.53
O1 EDO G . 16.36 -10.45 -5.15
C2 EDO G . 16.49 -8.14 -4.38
O2 EDO G . 17.41 -7.04 -4.39
C1 EDO H . -9.84 -3.72 11.31
O1 EDO H . -10.07 -2.63 12.26
C2 EDO H . -8.89 -3.32 10.21
O2 EDO H . -9.23 -2.05 9.62
C1 EDO I . -10.71 -6.10 -21.23
O1 EDO I . -10.71 -7.31 -20.51
C2 EDO I . -10.51 -6.36 -22.71
O2 EDO I . -9.33 -7.14 -22.91
N1 FMN J . 3.91 1.55 14.93
C2 FMN J . 3.46 2.13 16.09
O2 FMN J . 4.28 2.48 16.93
N3 FMN J . 2.10 2.30 16.33
C4 FMN J . 1.13 1.83 15.45
O4 FMN J . -0.07 1.97 15.69
C4A FMN J . 1.58 1.21 14.29
N5 FMN J . 0.69 0.67 13.38
C5A FMN J . 1.09 0.13 12.21
C6 FMN J . 0.12 -0.29 11.27
C7 FMN J . 0.51 -0.68 9.99
C7M FMN J . -0.55 -1.15 8.99
C8 FMN J . 1.86 -0.65 9.65
C8M FMN J . 2.31 -1.01 8.28
C9 FMN J . 2.81 -0.23 10.56
C9A FMN J . 2.42 0.18 11.87
N10 FMN J . 3.37 0.58 12.82
C10 FMN J . 2.95 1.10 14.03
C1' FMN J . 4.85 0.59 12.50
C2' FMN J . 5.41 -0.85 12.48
O2' FMN J . 5.70 -1.31 13.81
C3' FMN J . 6.65 -0.97 11.60
O3' FMN J . 6.34 -0.58 10.26
C4' FMN J . 7.21 -2.42 11.63
O4' FMN J . 7.69 -2.77 12.96
C5' FMN J . 8.33 -2.53 10.61
O5' FMN J . 9.37 -1.62 10.96
P FMN J . 9.96 -0.54 9.97
O1P FMN J . 10.65 -1.30 8.86
O2P FMN J . 10.91 0.34 10.74
O3P FMN J . 8.82 0.35 9.48
O1 UNL K . -11.28 -1.44 -13.63
O2 UNL K . -11.02 -1.76 -12.39
O3 UNL K . -10.15 -1.39 -11.38
O4 UNL K . -12.93 -3.21 -12.71
O5 UNL K . -14.05 -4.69 -11.41
O6 UNL K . -12.65 -4.41 -10.06
O7 UNL K . -11.85 -3.06 -10.62
S SO4 L . 18.70 -1.38 10.86
O1 SO4 L . 19.74 -0.46 11.32
O2 SO4 L . 19.24 -2.23 9.79
O3 SO4 L . 17.69 -0.59 10.19
O4 SO4 L . 18.38 -2.27 11.96
C1 EDO M . 14.53 -15.43 9.29
O1 EDO M . 13.33 -15.52 10.04
C2 EDO M . 15.02 -13.98 9.19
O2 EDO M . 15.30 -13.50 7.85
C1 EDO N . -13.41 -7.51 0.56
O1 EDO N . -13.47 -8.75 -0.19
C2 EDO N . -12.05 -6.83 0.58
O2 EDO N . -10.93 -7.68 0.78
#